data_4KKS
#
_entry.id   4KKS
#
_cell.length_a   83.200
_cell.length_b   52.500
_cell.length_c   76.530
_cell.angle_alpha   90.00
_cell.angle_beta   98.04
_cell.angle_gamma   90.00
#
_symmetry.space_group_name_H-M   'C 1 2 1'
#
loop_
_entity.id
_entity.type
_entity.pdbx_description
1 polymer 'Membrane fusion protein'
2 non-polymer 'PHOSPHATE ION'
3 water water
#
_entity_poly.entity_id   1
_entity_poly.type   'polypeptide(L)'
_entity_poly.pdbx_seq_one_letter_code
;GSHMVGDNKLDDKNIDKEKESSYRFPVIAMKVKKGILSDYLSLNGDVDTKVKADIFPDAVGKITSLRIKLGAYVQKGQIV
ATLDPSRPGSVYLKSPVRAPISGYILNITKKIGETVNPQSNIAVVGRIDTKQILTYVSEKYISNIKVGNDAIIEVGAYSN
EKFKAKVSEISPILDSKSRTIEVYLTPIGSNLDKLIIGMFSKIKLITKRFKDVIKISREAVVEREGKKFVFKVDLESKSV
QMLPITVLFEIDNIVALSGEVEENDLIVVEGMSALSNGSLINLVDTKEGLSAESNI
;
_entity_poly.pdbx_strand_id   A
#
loop_
_chem_comp.id
_chem_comp.type
_chem_comp.name
_chem_comp.formula
PO4 non-polymer 'PHOSPHATE ION' 'O4 P -3'
#
# COMPACT_ATOMS: atom_id res chain seq x y z
N SER A 22 -47.39 -5.25 -11.47
CA SER A 22 -47.29 -4.54 -10.15
C SER A 22 -47.54 -5.50 -8.97
N TYR A 23 -47.23 -5.00 -7.76
CA TYR A 23 -47.15 -5.82 -6.51
C TYR A 23 -45.85 -6.71 -6.41
N ARG A 24 -45.00 -6.65 -7.44
CA ARG A 24 -43.73 -7.37 -7.48
C ARG A 24 -42.58 -6.47 -7.03
N PHE A 25 -41.59 -7.07 -6.37
CA PHE A 25 -40.45 -6.32 -5.84
C PHE A 25 -39.37 -6.18 -6.94
N PRO A 26 -38.87 -4.96 -7.22
CA PRO A 26 -37.92 -4.76 -8.34
C PRO A 26 -36.47 -4.99 -7.93
N VAL A 27 -35.53 -5.05 -8.89
CA VAL A 27 -34.12 -5.34 -8.58
C VAL A 27 -33.11 -4.83 -9.61
N ILE A 28 -31.86 -4.75 -9.17
CA ILE A 28 -30.67 -4.71 -10.04
C ILE A 28 -29.85 -5.96 -9.68
N ALA A 29 -29.38 -6.69 -10.69
CA ALA A 29 -28.62 -7.94 -10.50
C ALA A 29 -27.20 -7.86 -11.04
N MET A 30 -26.39 -8.88 -10.74
CA MET A 30 -25.03 -8.97 -11.23
C MET A 30 -24.78 -10.27 -11.98
N LYS A 31 -24.16 -10.11 -13.16
CA LYS A 31 -23.73 -11.18 -14.07
C LYS A 31 -22.45 -11.84 -13.47
N VAL A 32 -22.67 -12.63 -12.44
CA VAL A 32 -21.60 -13.14 -11.55
C VAL A 32 -20.47 -13.88 -12.25
N LYS A 33 -19.24 -13.62 -11.79
CA LYS A 33 -18.04 -14.19 -12.42
C LYS A 33 -17.10 -14.84 -11.39
N LYS A 34 -16.38 -15.86 -11.82
CA LYS A 34 -15.31 -16.44 -11.03
C LYS A 34 -14.03 -15.60 -11.13
N GLY A 35 -13.34 -15.42 -10.00
CA GLY A 35 -12.15 -14.56 -9.93
C GLY A 35 -11.25 -14.86 -8.74
N ILE A 36 -10.39 -13.91 -8.43
CA ILE A 36 -9.42 -14.05 -7.36
C ILE A 36 -9.72 -13.02 -6.29
N LEU A 37 -9.91 -13.46 -5.05
CA LEU A 37 -10.04 -12.55 -3.91
C LEU A 37 -8.83 -12.78 -3.04
N SER A 38 -8.16 -11.69 -2.71
CA SER A 38 -6.90 -11.79 -2.02
C SER A 38 -6.97 -11.22 -0.65
N ASP A 39 -6.32 -11.91 0.32
CA ASP A 39 -6.22 -11.41 1.68
C ASP A 39 -4.97 -10.61 1.76
N TYR A 40 -5.03 -9.48 2.49
CA TYR A 40 -3.84 -8.68 2.73
C TYR A 40 -3.85 -7.98 4.06
N LEU A 41 -2.65 -7.67 4.54
CA LEU A 41 -2.42 -6.79 5.69
C LEU A 41 -2.25 -5.31 5.29
N SER A 42 -2.96 -4.40 5.98
CA SER A 42 -2.81 -2.97 5.75
C SER A 42 -1.73 -2.47 6.68
N LEU A 43 -0.57 -2.12 6.12
CA LEU A 43 0.55 -1.66 6.94
C LEU A 43 0.98 -0.25 6.59
N ASN A 44 1.77 0.38 7.44
CA ASN A 44 2.40 1.69 7.11
C ASN A 44 3.86 1.54 7.02
N GLY A 45 4.48 2.20 6.07
CA GLY A 45 5.94 2.13 5.94
C GLY A 45 6.55 3.34 5.29
N ASP A 46 7.87 3.44 5.35
CA ASP A 46 8.59 4.57 4.80
C ASP A 46 9.50 4.10 3.69
N VAL A 47 9.66 4.94 2.67
CA VAL A 47 10.57 4.63 1.57
C VAL A 47 11.94 5.04 2.02
N ASP A 48 12.82 4.06 2.10
CA ASP A 48 14.21 4.26 2.52
C ASP A 48 15.17 3.78 1.43
N THR A 49 16.48 3.89 1.70
CA THR A 49 17.51 3.40 0.81
C THR A 49 18.58 2.75 1.64
N LYS A 50 19.18 1.71 1.07
CA LYS A 50 20.12 0.90 1.82
C LYS A 50 21.45 1.59 2.04
N VAL A 51 21.74 2.60 1.20
CA VAL A 51 23.01 3.34 1.23
C VAL A 51 22.77 4.87 1.34
N LYS A 52 22.88 5.40 2.55
CA LYS A 52 22.74 6.83 2.79
C LYS A 52 23.56 7.26 4.00
N ALA A 53 23.69 8.58 4.16
CA ALA A 53 24.56 9.16 5.17
C ALA A 53 24.24 10.66 5.33
N ASP A 54 24.31 11.12 6.58
CA ASP A 54 24.04 12.52 6.93
C ASP A 54 25.31 13.33 6.68
N ILE A 55 25.18 14.52 6.12
CA ILE A 55 26.35 15.41 5.93
C ILE A 55 26.53 16.29 7.17
N PHE A 56 27.61 16.03 7.90
CA PHE A 56 27.97 16.76 9.10
C PHE A 56 29.18 17.68 8.84
N PRO A 57 29.10 18.96 9.29
CA PRO A 57 30.23 19.87 9.16
C PRO A 57 31.37 19.56 10.16
N ASP A 58 32.56 20.04 9.84
CA ASP A 58 33.71 19.86 10.71
C ASP A 58 33.78 20.98 11.76
N ALA A 59 33.34 22.19 11.38
CA ALA A 59 33.40 23.37 12.26
C ALA A 59 32.01 23.81 12.76
N VAL A 60 32.01 24.62 13.83
CA VAL A 60 30.80 25.30 14.30
C VAL A 60 30.72 26.64 13.56
N GLY A 61 29.52 27.09 13.23
CA GLY A 61 29.40 28.33 12.47
C GLY A 61 28.17 28.47 11.60
N LYS A 62 28.19 29.46 10.72
CA LYS A 62 27.01 29.98 10.01
C LYS A 62 27.08 29.65 8.53
N ILE A 63 25.95 29.22 7.95
CA ILE A 63 25.89 28.84 6.53
C ILE A 63 25.91 30.07 5.66
N THR A 64 26.95 30.19 4.84
CA THR A 64 27.12 31.36 3.98
C THR A 64 26.74 31.09 2.52
N SER A 65 26.85 29.84 2.08
CA SER A 65 26.32 29.46 0.76
C SER A 65 25.95 27.98 0.72
N LEU A 66 24.97 27.67 -0.13
CA LEU A 66 24.63 26.29 -0.46
C LEU A 66 24.95 26.03 -1.94
N ARG A 67 25.81 25.02 -2.17
CA ARG A 67 26.20 24.63 -3.52
C ARG A 67 25.54 23.30 -3.85
N ILE A 68 24.41 23.01 -3.21
CA ILE A 68 23.63 21.83 -3.51
C ILE A 68 22.16 22.14 -3.67
N LYS A 69 21.53 21.36 -4.54
CA LYS A 69 20.10 21.32 -4.70
C LYS A 69 19.68 19.88 -4.43
N LEU A 70 18.42 19.72 -4.05
CA LEU A 70 17.84 18.40 -3.98
C LEU A 70 17.90 17.80 -5.39
N GLY A 71 18.44 16.59 -5.48
CA GLY A 71 18.52 15.88 -6.75
C GLY A 71 19.94 15.78 -7.27
N ALA A 72 20.81 16.65 -6.77
CA ALA A 72 22.15 16.80 -7.30
C ALA A 72 23.04 15.61 -6.94
N TYR A 73 23.86 15.16 -7.89
CA TYR A 73 24.86 14.11 -7.60
C TYR A 73 26.09 14.82 -7.09
N VAL A 74 26.76 14.22 -6.11
CA VAL A 74 27.99 14.79 -5.56
C VAL A 74 29.06 13.75 -5.38
N GLN A 75 30.32 14.15 -5.59
CA GLN A 75 31.50 13.28 -5.42
C GLN A 75 31.81 13.27 -3.95
N LYS A 76 32.37 12.17 -3.45
CA LYS A 76 32.88 12.13 -2.08
C LYS A 76 33.92 13.23 -1.88
N GLY A 77 33.76 13.98 -0.80
CA GLY A 77 34.66 15.07 -0.48
C GLY A 77 34.30 16.38 -1.13
N GLN A 78 33.33 16.40 -2.04
CA GLN A 78 32.94 17.63 -2.75
C GLN A 78 32.39 18.67 -1.77
N ILE A 79 32.72 19.94 -1.98
CA ILE A 79 32.18 21.01 -1.12
C ILE A 79 30.69 21.19 -1.43
N VAL A 80 29.88 21.15 -0.37
CA VAL A 80 28.42 21.29 -0.51
C VAL A 80 27.88 22.61 0.07
N ALA A 81 28.43 23.01 1.21
CA ALA A 81 28.05 24.27 1.83
C ALA A 81 29.30 24.98 2.34
N THR A 82 29.18 26.30 2.51
CA THR A 82 30.28 27.13 2.98
C THR A 82 29.85 27.85 4.27
N LEU A 83 30.85 28.31 5.04
CA LEU A 83 30.60 28.93 6.35
C LEU A 83 31.40 30.22 6.57
N ASP A 84 31.28 30.78 7.76
CA ASP A 84 32.16 31.86 8.24
C ASP A 84 33.65 31.39 8.30
N PRO A 85 34.61 32.24 7.84
CA PRO A 85 36.06 31.94 7.71
C PRO A 85 36.90 31.37 8.88
N SER A 86 37.02 31.99 10.08
CA SER A 86 36.36 33.23 10.51
C SER A 86 36.95 33.77 11.82
N ARG A 87 36.72 33.01 12.90
CA ARG A 87 36.72 33.49 14.31
C ARG A 87 37.91 34.37 14.77
N PRO A 88 37.72 35.17 15.85
CA PRO A 88 38.63 36.22 16.36
C PRO A 88 40.03 36.49 15.71
N GLY A 89 41.11 35.73 15.96
CA GLY A 89 41.11 34.42 16.61
C GLY A 89 41.78 33.40 15.70
N SER A 90 41.07 32.28 15.47
CA SER A 90 41.49 31.18 14.59
C SER A 90 41.91 30.02 15.53
N VAL A 91 43.15 29.48 15.52
CA VAL A 91 44.21 29.66 14.50
C VAL A 91 44.02 28.63 13.38
N TYR A 92 42.95 27.86 13.51
CA TYR A 92 42.52 26.91 12.51
C TYR A 92 41.32 27.53 11.79
N LEU A 93 41.60 28.44 10.85
CA LEU A 93 40.58 29.09 10.04
C LEU A 93 40.04 28.07 9.02
N LYS A 94 38.83 27.58 9.28
CA LYS A 94 38.27 26.37 8.65
C LYS A 94 36.75 26.37 8.90
N SER A 95 35.95 25.51 8.28
CA SER A 95 36.32 24.51 7.26
C SER A 95 35.07 24.24 6.44
N PRO A 96 35.18 24.23 5.10
CA PRO A 96 33.99 23.92 4.30
C PRO A 96 33.33 22.58 4.64
N VAL A 97 32.07 22.42 4.22
CA VAL A 97 31.35 21.17 4.42
C VAL A 97 31.53 20.27 3.21
N ARG A 98 31.97 19.04 3.48
CA ARG A 98 32.22 18.08 2.43
C ARG A 98 31.33 16.83 2.58
N ALA A 99 30.84 16.36 1.43
CA ALA A 99 30.09 15.10 1.31
C ALA A 99 30.89 13.89 1.84
N PRO A 100 30.37 13.17 2.87
CA PRO A 100 31.07 11.99 3.42
C PRO A 100 31.19 10.78 2.46
N ILE A 101 30.25 10.70 1.51
CA ILE A 101 30.28 9.74 0.42
C ILE A 101 29.67 10.33 -0.83
N SER A 102 29.76 9.57 -1.91
CA SER A 102 29.15 9.96 -3.17
C SER A 102 27.67 9.55 -3.20
N GLY A 103 26.86 10.32 -3.91
CA GLY A 103 25.47 9.95 -4.05
C GLY A 103 24.63 11.13 -4.44
N TYR A 104 23.31 10.97 -4.27
CA TYR A 104 22.38 12.02 -4.62
C TYR A 104 21.92 12.71 -3.35
N ILE A 105 21.60 13.98 -3.45
CA ILE A 105 21.11 14.74 -2.32
C ILE A 105 19.66 14.38 -2.16
N LEU A 106 19.37 13.68 -1.06
CA LEU A 106 18.02 13.18 -0.79
C LEU A 106 17.21 14.10 0.11
N ASN A 107 17.88 15.04 0.77
CA ASN A 107 17.26 15.97 1.70
C ASN A 107 18.14 17.17 2.00
N ILE A 108 17.53 18.35 2.15
CA ILE A 108 18.25 19.52 2.69
C ILE A 108 17.53 20.09 3.94
N THR A 109 18.23 20.06 5.08
CA THR A 109 17.62 20.41 6.37
C THR A 109 18.02 21.79 6.93
N LYS A 110 19.07 22.40 6.37
CA LYS A 110 19.46 23.75 6.76
C LYS A 110 19.37 24.77 5.61
N LYS A 111 19.36 26.05 5.99
CA LYS A 111 19.18 27.17 5.06
C LYS A 111 20.30 28.21 5.31
N ILE A 112 20.32 29.25 4.49
CA ILE A 112 21.32 30.32 4.60
C ILE A 112 21.05 31.18 5.85
N GLY A 113 22.08 31.32 6.68
CA GLY A 113 21.97 32.05 7.94
C GLY A 113 22.04 31.16 9.17
N GLU A 114 21.65 29.89 9.05
CA GLU A 114 21.57 29.00 10.21
C GLU A 114 22.93 28.54 10.71
N THR A 115 23.01 28.40 12.03
CA THR A 115 24.23 28.01 12.68
C THR A 115 24.22 26.50 12.90
N VAL A 116 25.41 25.90 12.86
CA VAL A 116 25.57 24.44 12.86
C VAL A 116 26.73 23.98 13.73
N ASN A 117 26.51 22.94 14.53
CA ASN A 117 27.58 22.22 15.21
C ASN A 117 27.89 20.95 14.44
N PRO A 118 29.02 20.29 14.74
CA PRO A 118 29.31 19.02 14.03
C PRO A 118 28.31 17.86 14.23
N GLN A 119 27.32 18.02 15.12
CA GLN A 119 26.19 17.07 15.24
C GLN A 119 24.92 17.61 14.57
N SER A 120 25.08 18.68 13.77
CA SER A 120 23.99 19.25 12.97
C SER A 120 23.92 18.61 11.58
N ASN A 121 22.85 17.87 11.37
CA ASN A 121 22.55 17.28 10.08
C ASN A 121 22.20 18.38 9.08
N ILE A 122 23.00 18.52 8.03
CA ILE A 122 22.74 19.57 7.04
C ILE A 122 21.92 19.07 5.87
N ALA A 123 22.22 17.85 5.46
CA ALA A 123 21.49 17.23 4.38
C ALA A 123 21.77 15.76 4.45
N VAL A 124 21.09 15.01 3.57
CA VAL A 124 21.36 13.58 3.37
C VAL A 124 21.85 13.30 1.94
N VAL A 125 22.86 12.43 1.84
CA VAL A 125 23.32 11.84 0.57
C VAL A 125 23.10 10.35 0.57
N GLY A 126 22.78 9.78 -0.58
CA GLY A 126 22.77 8.30 -0.71
C GLY A 126 22.37 7.87 -2.10
N ARG A 127 22.23 6.57 -2.28
CA ARG A 127 21.87 6.00 -3.57
C ARG A 127 20.35 6.00 -3.82
N ILE A 128 19.97 6.42 -5.04
CA ILE A 128 18.58 6.32 -5.49
C ILE A 128 18.24 4.96 -6.11
N ASP A 129 19.20 4.05 -6.22
CA ASP A 129 18.90 2.75 -6.84
C ASP A 129 18.88 1.59 -5.88
N THR A 130 18.87 1.85 -4.57
CA THR A 130 18.72 0.78 -3.57
C THR A 130 17.50 1.04 -2.66
N LYS A 131 16.39 1.47 -3.26
CA LYS A 131 15.16 1.69 -2.55
C LYS A 131 14.64 0.47 -1.77
N GLN A 132 14.00 0.76 -0.65
CA GLN A 132 13.64 -0.26 0.31
C GLN A 132 12.49 0.32 1.13
N ILE A 133 11.42 -0.44 1.33
CA ILE A 133 10.32 -0.05 2.19
C ILE A 133 10.45 -0.77 3.53
N LEU A 134 10.42 -0.04 4.64
CA LEU A 134 10.57 -0.63 5.97
C LEU A 134 9.24 -0.51 6.68
N THR A 135 8.82 -1.59 7.36
CA THR A 135 7.55 -1.59 8.04
C THR A 135 7.66 -2.57 9.18
N TYR A 136 6.97 -2.28 10.27
CA TYR A 136 7.12 -3.03 11.49
C TYR A 136 5.84 -3.80 11.78
N VAL A 137 5.83 -5.09 11.47
CA VAL A 137 4.62 -5.86 11.60
C VAL A 137 4.51 -6.36 13.03
N SER A 138 3.34 -6.19 13.60
CA SER A 138 3.05 -6.61 14.96
C SER A 138 3.14 -8.11 15.12
N GLU A 139 3.39 -8.54 16.34
CA GLU A 139 3.56 -9.97 16.69
C GLU A 139 2.38 -10.86 16.24
N LYS A 140 1.19 -10.31 16.40
CA LYS A 140 -0.05 -11.03 16.13
C LYS A 140 -0.36 -11.21 14.65
N TYR A 141 0.38 -10.56 13.77
CA TYR A 141 0.10 -10.61 12.32
C TYR A 141 1.23 -11.23 11.51
N ILE A 142 2.41 -11.36 12.13
CA ILE A 142 3.60 -11.76 11.42
C ILE A 142 3.52 -13.14 10.78
N SER A 143 2.74 -14.03 11.38
CA SER A 143 2.85 -15.46 11.08
C SER A 143 2.59 -15.80 9.64
N ASN A 144 1.64 -15.06 9.05
CA ASN A 144 1.21 -15.25 7.67
C ASN A 144 2.08 -14.59 6.60
N ILE A 145 3.25 -14.13 6.99
CA ILE A 145 4.12 -13.41 6.07
C ILE A 145 5.36 -14.22 5.76
N LYS A 146 5.78 -14.16 4.51
CA LYS A 146 6.93 -14.88 4.04
C LYS A 146 7.56 -14.11 2.90
N VAL A 147 8.87 -14.28 2.80
CA VAL A 147 9.68 -13.69 1.75
C VAL A 147 9.09 -14.10 0.42
N GLY A 148 9.10 -13.22 -0.57
CA GLY A 148 8.50 -13.55 -1.88
C GLY A 148 7.03 -13.12 -1.98
N ASN A 149 6.36 -12.85 -0.86
CA ASN A 149 5.00 -12.31 -0.91
C ASN A 149 4.99 -11.04 -1.76
N ASP A 150 3.94 -10.91 -2.53
CA ASP A 150 3.65 -9.74 -3.26
C ASP A 150 3.10 -8.64 -2.35
N ALA A 151 3.33 -7.38 -2.75
CA ALA A 151 2.73 -6.26 -2.04
C ALA A 151 2.50 -5.09 -2.96
N ILE A 152 1.56 -4.23 -2.56
CA ILE A 152 1.31 -2.97 -3.22
C ILE A 152 1.73 -1.86 -2.28
N ILE A 153 2.59 -0.98 -2.77
CA ILE A 153 2.97 0.19 -2.05
C ILE A 153 2.12 1.34 -2.54
N GLU A 154 1.35 1.96 -1.65
CA GLU A 154 0.45 3.02 -2.08
C GLU A 154 0.88 4.34 -1.47
N VAL A 155 1.19 5.33 -2.30
CA VAL A 155 1.29 6.74 -1.79
C VAL A 155 0.11 7.61 -2.16
N GLY A 156 -0.86 7.09 -2.91
CA GLY A 156 -2.01 7.91 -3.28
C GLY A 156 -3.10 7.03 -3.89
N ALA A 157 -4.16 7.63 -4.46
CA ALA A 157 -5.33 6.82 -4.89
C ALA A 157 -5.23 6.38 -6.33
N TYR A 158 -4.41 7.09 -7.10
CA TYR A 158 -4.39 6.95 -8.55
C TYR A 158 -3.24 6.02 -9.03
N SER A 159 -3.32 5.59 -10.29
CA SER A 159 -2.48 4.50 -10.84
C SER A 159 -1.00 4.82 -10.77
N ASN A 160 -0.68 6.09 -10.96
CA ASN A 160 0.71 6.61 -10.82
C ASN A 160 1.29 6.68 -9.42
N GLU A 161 0.48 6.30 -8.42
CA GLU A 161 0.80 6.48 -7.03
C GLU A 161 0.80 5.13 -6.32
N LYS A 162 0.75 4.06 -7.09
CA LYS A 162 0.74 2.70 -6.56
C LYS A 162 1.79 1.88 -7.29
N PHE A 163 2.57 1.10 -6.52
CA PHE A 163 3.74 0.37 -7.06
C PHE A 163 3.83 -1.02 -6.48
N LYS A 164 4.42 -1.92 -7.24
CA LYS A 164 4.50 -3.31 -6.84
C LYS A 164 5.72 -3.52 -6.00
N ALA A 165 5.69 -4.56 -5.19
CA ALA A 165 6.87 -4.89 -4.38
C ALA A 165 6.82 -6.33 -3.94
N LYS A 166 7.88 -6.75 -3.27
CA LYS A 166 8.01 -8.05 -2.77
C LYS A 166 8.73 -8.03 -1.42
N VAL A 167 8.27 -8.89 -0.53
CA VAL A 167 8.93 -8.99 0.76
C VAL A 167 10.33 -9.58 0.49
N SER A 168 11.35 -8.87 0.94
CA SER A 168 12.74 -9.26 0.71
C SER A 168 13.34 -9.93 1.90
N GLU A 169 12.92 -9.52 3.09
CA GLU A 169 13.62 -9.87 4.30
C GLU A 169 12.72 -9.69 5.56
N ILE A 170 12.61 -10.70 6.38
CA ILE A 170 11.92 -10.63 7.68
C ILE A 170 12.99 -10.73 8.76
N SER A 171 13.07 -9.76 9.66
CA SER A 171 14.07 -9.81 10.74
C SER A 171 13.74 -10.92 11.71
N PRO A 172 14.75 -11.67 12.16
CA PRO A 172 14.46 -12.74 13.13
C PRO A 172 14.27 -12.17 14.53
N ILE A 173 14.77 -10.95 14.75
CA ILE A 173 14.69 -10.20 16.00
C ILE A 173 13.29 -9.62 16.20
N LEU A 174 12.75 -9.81 17.40
CA LEU A 174 11.52 -9.17 17.85
C LEU A 174 11.85 -8.11 18.88
N ASP A 175 11.64 -6.85 18.50
CA ASP A 175 11.79 -5.72 19.42
C ASP A 175 10.79 -5.88 20.57
N SER A 176 11.30 -6.37 21.69
CA SER A 176 10.44 -6.70 22.84
C SER A 176 9.73 -5.48 23.42
N LYS A 177 10.30 -4.30 23.21
CA LYS A 177 9.59 -3.04 23.51
C LYS A 177 8.23 -2.94 22.76
N SER A 178 8.29 -2.73 21.44
CA SER A 178 7.11 -2.37 20.65
C SER A 178 6.32 -3.57 20.14
N ARG A 179 6.85 -4.79 20.34
CA ARG A 179 6.14 -6.03 19.99
C ARG A 179 6.05 -6.25 18.47
N THR A 180 7.05 -5.75 17.73
CA THR A 180 7.04 -5.75 16.26
C THR A 180 8.23 -6.45 15.65
N ILE A 181 8.05 -6.93 14.44
CA ILE A 181 9.14 -7.49 13.65
C ILE A 181 9.33 -6.62 12.40
N GLU A 182 10.56 -6.32 12.04
CA GLU A 182 10.85 -5.52 10.86
C GLU A 182 10.73 -6.36 9.59
N VAL A 183 9.86 -5.95 8.69
CA VAL A 183 9.81 -6.51 7.35
C VAL A 183 10.31 -5.49 6.35
N TYR A 184 11.11 -5.94 5.40
CA TYR A 184 11.65 -5.07 4.37
C TYR A 184 11.01 -5.48 3.06
N LEU A 185 10.73 -4.51 2.21
CA LEU A 185 10.18 -4.78 0.90
C LEU A 185 10.97 -4.08 -0.20
N THR A 186 11.19 -4.80 -1.29
CA THR A 186 11.89 -4.29 -2.44
C THR A 186 10.85 -3.99 -3.50
N PRO A 187 10.80 -2.74 -3.99
CA PRO A 187 9.85 -2.41 -5.04
C PRO A 187 10.38 -2.88 -6.38
N ILE A 188 9.45 -3.08 -7.31
CA ILE A 188 9.73 -3.70 -8.58
C ILE A 188 8.84 -3.01 -9.58
N GLY A 189 8.98 -3.38 -10.84
CA GLY A 189 8.18 -2.76 -11.88
C GLY A 189 8.82 -1.47 -12.37
N SER A 190 8.00 -0.66 -13.00
CA SER A 190 8.44 0.66 -13.44
C SER A 190 7.59 1.72 -12.70
N ASN A 191 7.80 2.98 -13.07
CA ASN A 191 7.23 4.11 -12.37
C ASN A 191 7.99 4.36 -11.05
N LEU A 192 9.06 3.60 -10.76
CA LEU A 192 9.69 3.68 -9.42
C LEU A 192 10.34 5.04 -9.18
N ASP A 193 10.64 5.77 -10.24
CA ASP A 193 11.03 7.18 -10.13
C ASP A 193 10.13 7.94 -9.18
N LYS A 194 8.83 7.72 -9.30
CA LYS A 194 7.85 8.51 -8.53
C LYS A 194 7.73 7.99 -7.07
N LEU A 195 8.28 6.81 -6.79
CA LEU A 195 8.43 6.34 -5.42
C LEU A 195 9.61 6.99 -4.77
N ILE A 196 9.43 8.16 -4.17
CA ILE A 196 10.57 8.97 -3.79
C ILE A 196 11.13 8.63 -2.42
N ILE A 197 12.44 8.71 -2.26
CA ILE A 197 12.99 8.33 -0.97
C ILE A 197 12.55 9.30 0.11
N GLY A 198 12.25 8.74 1.30
CA GLY A 198 11.76 9.52 2.42
C GLY A 198 10.25 9.60 2.53
N MET A 199 9.52 9.19 1.50
CA MET A 199 8.06 9.19 1.52
C MET A 199 7.42 8.20 2.47
N PHE A 200 6.18 8.48 2.80
CA PHE A 200 5.34 7.63 3.64
C PHE A 200 4.55 6.79 2.68
N SER A 201 4.21 5.56 3.06
CA SER A 201 3.46 4.69 2.19
C SER A 201 2.53 3.82 2.99
N LYS A 202 1.32 3.64 2.48
CA LYS A 202 0.48 2.54 2.89
C LYS A 202 1.00 1.33 2.15
N ILE A 203 0.98 0.21 2.83
CA ILE A 203 1.43 -1.01 2.24
C ILE A 203 0.31 -2.00 2.37
N LYS A 204 0.03 -2.67 1.26
CA LYS A 204 -0.91 -3.81 1.23
C LYS A 204 -0.15 -5.09 0.94
N LEU A 205 0.14 -5.83 2.00
CA LEU A 205 0.99 -7.03 1.90
C LEU A 205 0.10 -8.22 1.75
N ILE A 206 0.25 -8.94 0.64
CA ILE A 206 -0.71 -10.00 0.27
C ILE A 206 -0.21 -11.30 0.76
N THR A 207 -0.95 -11.85 1.75
CA THR A 207 -0.61 -13.10 2.41
C THR A 207 -1.24 -14.34 1.77
N LYS A 208 -2.27 -14.16 0.94
CA LYS A 208 -3.02 -15.28 0.34
C LYS A 208 -3.93 -14.86 -0.83
N ARG A 209 -4.27 -15.79 -1.72
CA ARG A 209 -5.20 -15.48 -2.80
C ARG A 209 -6.21 -16.62 -2.97
N PHE A 210 -7.50 -16.36 -2.91
CA PHE A 210 -8.43 -17.43 -3.24
C PHE A 210 -8.73 -17.40 -4.72
N LYS A 211 -8.17 -18.33 -5.50
CA LYS A 211 -8.38 -18.37 -6.95
C LYS A 211 -9.65 -19.10 -7.29
N ASP A 212 -10.27 -18.72 -8.39
CA ASP A 212 -11.38 -19.47 -8.94
C ASP A 212 -12.58 -19.54 -7.97
N VAL A 213 -12.93 -18.39 -7.41
CA VAL A 213 -14.10 -18.27 -6.54
C VAL A 213 -15.06 -17.24 -7.04
N ILE A 214 -16.33 -17.47 -6.74
CA ILE A 214 -17.40 -16.56 -7.08
C ILE A 214 -17.30 -15.36 -6.18
N LYS A 215 -17.22 -14.17 -6.78
CA LYS A 215 -17.05 -12.92 -6.08
C LYS A 215 -18.30 -12.11 -6.29
N ILE A 216 -18.74 -11.47 -5.21
CA ILE A 216 -19.94 -10.66 -5.22
C ILE A 216 -19.82 -9.59 -4.16
N SER A 217 -20.50 -8.47 -4.37
CA SER A 217 -20.53 -7.38 -3.39
C SER A 217 -21.11 -7.89 -2.08
N ARG A 218 -20.57 -7.41 -0.96
CA ARG A 218 -20.99 -7.81 0.39
C ARG A 218 -22.52 -7.72 0.58
N GLU A 219 -23.15 -6.78 -0.12
CA GLU A 219 -24.57 -6.45 0.02
C GLU A 219 -25.53 -7.57 -0.37
N ALA A 220 -25.22 -8.26 -1.47
CA ALA A 220 -26.06 -9.35 -1.97
C ALA A 220 -26.31 -10.42 -0.94
N VAL A 221 -25.35 -10.58 -0.02
CA VAL A 221 -25.43 -11.61 1.01
C VAL A 221 -26.35 -11.11 2.08
N VAL A 222 -27.19 -12.02 2.57
CA VAL A 222 -28.35 -11.67 3.36
C VAL A 222 -28.54 -12.71 4.47
N GLU A 223 -28.57 -12.22 5.70
CA GLU A 223 -28.80 -13.04 6.87
C GLU A 223 -30.30 -13.06 7.12
N ARG A 224 -30.89 -14.24 7.01
CA ARG A 224 -32.25 -14.48 7.44
C ARG A 224 -32.24 -15.77 8.26
N GLU A 225 -32.80 -15.71 9.48
CA GLU A 225 -32.97 -16.89 10.32
C GLU A 225 -31.63 -17.54 10.73
N GLY A 226 -30.65 -16.70 11.07
CA GLY A 226 -29.34 -17.20 11.48
C GLY A 226 -28.62 -17.99 10.39
N LYS A 227 -28.79 -17.59 9.13
CA LYS A 227 -28.15 -18.24 8.01
C LYS A 227 -28.05 -17.28 6.83
N LYS A 228 -26.93 -17.37 6.09
CA LYS A 228 -26.68 -16.50 4.97
C LYS A 228 -27.15 -17.12 3.67
N PHE A 229 -27.74 -16.28 2.82
CA PHE A 229 -28.19 -16.66 1.48
C PHE A 229 -27.87 -15.57 0.48
N VAL A 230 -28.05 -15.92 -0.79
CA VAL A 230 -28.22 -14.92 -1.84
C VAL A 230 -29.44 -15.23 -2.72
N PHE A 231 -29.75 -14.33 -3.65
CA PHE A 231 -30.93 -14.45 -4.47
C PHE A 231 -30.55 -14.63 -5.93
N LYS A 232 -30.69 -15.86 -6.42
CA LYS A 232 -30.48 -16.16 -7.83
C LYS A 232 -31.72 -15.79 -8.62
N VAL A 233 -31.53 -15.05 -9.71
CA VAL A 233 -32.64 -14.68 -10.61
C VAL A 233 -32.89 -15.76 -11.67
N ASP A 234 -34.18 -16.04 -11.91
CA ASP A 234 -34.63 -16.93 -13.00
C ASP A 234 -35.37 -16.07 -14.04
N LEU A 235 -34.72 -15.84 -15.19
CA LEU A 235 -35.25 -14.92 -16.21
C LEU A 235 -36.57 -15.36 -16.87
N GLU A 236 -36.76 -16.67 -17.02
N GLU A 236 -36.77 -16.67 -17.01
CA GLU A 236 -37.98 -17.22 -17.66
CA GLU A 236 -37.95 -17.21 -17.68
C GLU A 236 -39.21 -16.92 -16.82
C GLU A 236 -39.21 -16.96 -16.83
N SER A 237 -39.17 -17.35 -15.56
CA SER A 237 -40.30 -17.12 -14.63
C SER A 237 -40.30 -15.70 -13.99
N LYS A 238 -39.24 -14.91 -14.22
CA LYS A 238 -39.10 -13.57 -13.65
C LYS A 238 -39.32 -13.55 -12.11
N SER A 239 -38.71 -14.52 -11.42
CA SER A 239 -38.73 -14.60 -9.95
C SER A 239 -37.35 -15.04 -9.42
N VAL A 240 -37.17 -15.12 -8.09
CA VAL A 240 -35.87 -15.45 -7.48
C VAL A 240 -35.89 -16.67 -6.61
N GLN A 241 -34.73 -17.26 -6.43
CA GLN A 241 -34.61 -18.39 -5.55
C GLN A 241 -33.56 -18.09 -4.50
N MET A 242 -33.91 -18.32 -3.24
CA MET A 242 -33.00 -18.10 -2.12
C MET A 242 -32.14 -19.35 -1.90
N LEU A 243 -30.83 -19.20 -2.11
CA LEU A 243 -29.87 -20.33 -2.05
C LEU A 243 -28.96 -20.17 -0.84
N PRO A 244 -28.75 -21.26 -0.08
CA PRO A 244 -27.83 -21.15 1.05
C PRO A 244 -26.38 -21.11 0.54
N ILE A 245 -25.59 -20.23 1.13
CA ILE A 245 -24.23 -20.02 0.67
C ILE A 245 -23.23 -20.00 1.81
N THR A 246 -21.99 -20.32 1.49
CA THR A 246 -20.87 -20.29 2.44
C THR A 246 -19.88 -19.19 2.00
N VAL A 247 -19.67 -18.20 2.87
CA VAL A 247 -18.61 -17.18 2.67
C VAL A 247 -17.23 -17.76 2.99
N LEU A 248 -16.37 -17.87 1.99
CA LEU A 248 -15.01 -18.39 2.16
C LEU A 248 -14.10 -17.32 2.73
N PHE A 249 -14.31 -16.10 2.26
CA PHE A 249 -13.47 -14.96 2.62
C PHE A 249 -14.20 -13.72 2.24
N GLU A 250 -13.92 -12.65 2.95
CA GLU A 250 -14.58 -11.40 2.77
C GLU A 250 -13.61 -10.29 3.02
N ILE A 251 -13.45 -9.39 2.05
CA ILE A 251 -12.57 -8.24 2.21
C ILE A 251 -12.86 -7.17 1.13
N ASP A 252 -12.60 -5.90 1.45
CA ASP A 252 -12.90 -4.76 0.56
C ASP A 252 -14.39 -4.72 0.15
N ASN A 253 -15.27 -5.16 1.05
CA ASN A 253 -16.71 -5.25 0.77
C ASN A 253 -17.02 -6.14 -0.44
N ILE A 254 -16.17 -7.15 -0.63
CA ILE A 254 -16.36 -8.16 -1.64
C ILE A 254 -16.43 -9.48 -0.91
N VAL A 255 -17.17 -10.43 -1.45
CA VAL A 255 -17.32 -11.73 -0.80
C VAL A 255 -16.97 -12.86 -1.76
N ALA A 256 -16.18 -13.81 -1.27
CA ALA A 256 -15.90 -15.04 -2.01
C ALA A 256 -16.83 -16.03 -1.45
N LEU A 257 -17.52 -16.76 -2.32
CA LEU A 257 -18.46 -17.74 -1.81
C LEU A 257 -18.49 -19.02 -2.58
N SER A 258 -19.05 -20.04 -1.96
CA SER A 258 -19.34 -21.29 -2.62
C SER A 258 -20.80 -21.68 -2.42
N GLY A 259 -21.31 -22.46 -3.36
CA GLY A 259 -22.70 -22.86 -3.37
C GLY A 259 -23.09 -23.45 -4.70
N GLU A 260 -24.37 -23.31 -5.05
CA GLU A 260 -24.92 -23.79 -6.32
C GLU A 260 -25.09 -22.55 -7.20
N VAL A 261 -24.13 -21.62 -7.07
CA VAL A 261 -24.05 -20.47 -7.93
C VAL A 261 -22.99 -20.74 -8.96
N GLU A 262 -23.30 -20.56 -10.24
CA GLU A 262 -22.35 -20.87 -11.33
C GLU A 262 -21.85 -19.58 -11.94
N GLU A 263 -20.96 -19.69 -12.91
CA GLU A 263 -20.59 -18.55 -13.73
C GLU A 263 -21.85 -17.98 -14.40
N ASN A 264 -21.89 -16.67 -14.56
CA ASN A 264 -22.94 -16.00 -15.31
C ASN A 264 -24.35 -16.06 -14.69
N ASP A 265 -24.51 -16.63 -13.49
CA ASP A 265 -25.80 -16.56 -12.81
C ASP A 265 -26.10 -15.10 -12.46
N LEU A 266 -27.40 -14.83 -12.30
CA LEU A 266 -27.86 -13.50 -11.96
C LEU A 266 -28.23 -13.49 -10.49
N ILE A 267 -27.42 -12.77 -9.72
CA ILE A 267 -27.61 -12.61 -8.29
C ILE A 267 -27.87 -11.13 -7.97
N VAL A 268 -28.77 -10.89 -7.03
CA VAL A 268 -29.26 -9.52 -6.80
C VAL A 268 -28.23 -8.72 -6.04
N VAL A 269 -27.88 -7.54 -6.53
CA VAL A 269 -26.99 -6.62 -5.82
C VAL A 269 -27.64 -5.30 -5.33
N GLU A 270 -28.95 -5.17 -5.50
CA GLU A 270 -29.75 -4.14 -4.81
C GLU A 270 -31.21 -4.55 -4.72
N GLY A 271 -31.75 -4.60 -3.51
CA GLY A 271 -33.20 -4.75 -3.29
C GLY A 271 -33.62 -6.04 -2.59
N MET A 272 -32.77 -6.51 -1.67
CA MET A 272 -33.00 -7.80 -1.03
C MET A 272 -33.70 -7.69 0.32
N SER A 273 -34.02 -6.47 0.74
N SER A 273 -34.02 -6.47 0.74
CA SER A 273 -34.71 -6.24 2.01
CA SER A 273 -34.70 -6.27 2.02
C SER A 273 -36.14 -6.77 1.97
C SER A 273 -36.15 -6.76 1.98
N ALA A 274 -36.79 -6.65 0.81
CA ALA A 274 -38.19 -7.03 0.63
C ALA A 274 -38.47 -8.49 0.21
N LEU A 275 -37.43 -9.28 -0.08
CA LEU A 275 -37.60 -10.56 -0.79
C LEU A 275 -37.63 -11.80 0.09
N SER A 276 -38.29 -12.84 -0.42
CA SER A 276 -38.33 -14.19 0.18
C SER A 276 -38.17 -15.24 -0.93
N ASN A 277 -38.11 -16.51 -0.56
CA ASN A 277 -37.86 -17.56 -1.53
C ASN A 277 -39.03 -17.76 -2.49
N GLY A 278 -38.85 -17.38 -3.76
CA GLY A 278 -39.89 -17.53 -4.78
C GLY A 278 -40.63 -16.25 -5.12
N SER A 279 -40.33 -15.15 -4.42
CA SER A 279 -40.93 -13.83 -4.69
C SER A 279 -40.65 -13.35 -6.11
N LEU A 280 -41.66 -12.73 -6.72
CA LEU A 280 -41.56 -12.26 -8.10
C LEU A 280 -40.81 -10.96 -8.10
N ILE A 281 -40.23 -10.61 -9.25
CA ILE A 281 -39.38 -9.42 -9.37
C ILE A 281 -39.44 -8.74 -10.73
N ASN A 282 -38.82 -7.57 -10.79
CA ASN A 282 -38.76 -6.78 -12.01
C ASN A 282 -37.30 -6.37 -12.23
N LEU A 283 -36.61 -7.04 -13.14
CA LEU A 283 -35.19 -6.77 -13.36
C LEU A 283 -34.96 -5.49 -14.18
N VAL A 284 -34.50 -4.43 -13.51
CA VAL A 284 -34.30 -3.11 -14.14
C VAL A 284 -33.03 -3.05 -14.99
N ASP A 285 -31.91 -3.54 -14.45
CA ASP A 285 -30.65 -3.64 -15.20
C ASP A 285 -29.74 -4.75 -14.67
N THR A 286 -28.84 -5.21 -15.53
CA THR A 286 -27.90 -6.28 -15.23
C THR A 286 -26.49 -5.71 -15.20
N LYS A 287 -25.95 -5.51 -14.00
CA LYS A 287 -24.55 -5.06 -13.83
C LYS A 287 -23.56 -6.14 -14.28
N GLU A 288 -22.43 -5.69 -14.80
CA GLU A 288 -21.39 -6.60 -15.22
C GLU A 288 -20.72 -7.17 -13.97
N GLY A 289 -20.24 -8.41 -14.05
CA GLY A 289 -19.60 -9.06 -12.91
C GLY A 289 -18.34 -8.37 -12.39
N LEU A 290 -17.86 -8.82 -11.21
CA LEU A 290 -16.63 -8.27 -10.63
C LEU A 290 -15.48 -8.85 -11.39
N SER A 291 -14.36 -8.14 -11.41
CA SER A 291 -13.21 -8.54 -12.20
C SER A 291 -12.79 -10.00 -11.91
N ALA A 292 -12.50 -10.73 -12.98
CA ALA A 292 -11.94 -12.08 -12.92
C ALA A 292 -10.53 -12.08 -12.30
N GLU A 293 -9.90 -10.91 -12.29
CA GLU A 293 -8.58 -10.74 -11.71
C GLU A 293 -8.72 -10.20 -10.27
N SER A 294 -7.58 -10.07 -9.59
CA SER A 294 -7.50 -9.88 -8.14
C SER A 294 -8.02 -8.53 -7.71
N ASN A 295 -8.67 -8.50 -6.56
CA ASN A 295 -9.05 -7.22 -5.95
C ASN A 295 -7.83 -6.31 -5.67
N ILE A 296 -6.67 -6.92 -5.46
CA ILE A 296 -5.44 -6.22 -5.15
C ILE A 296 -4.29 -7.18 -5.47
P PO4 B . 1.32 -14.07 -2.63
O1 PO4 B . 0.31 -14.69 -1.68
O2 PO4 B . 0.79 -14.15 -4.05
O3 PO4 B . 1.56 -12.62 -2.30
O4 PO4 B . 2.62 -14.83 -2.45
#